data_4IWN
#
_entry.id   4IWN
#
_cell.length_a   77.120
_cell.length_b   91.380
_cell.length_c   70.640
_cell.angle_alpha   90.000
_cell.angle_beta   90.000
_cell.angle_gamma   90.000
#
_symmetry.space_group_name_H-M   'P 21 21 2'
#
loop_
_entity.id
_entity.type
_entity.pdbx_description
1 polymer 'tRNA (cmo5U34)-methyltransferase'
2 non-polymer '(2S)-4-[{[(2S,3S,4R,5R)-5-(6-amino-9H-purin-9-yl)-3,4-dihydroxytetrahydrofuran-2-yl]methyl}(carboxylatomethyl)sulfonio] -2-ammoniobutanoate'
3 non-polymer (4S)-2-METHYL-2,4-PENTANEDIOL
4 water water
#
_entity_poly.entity_id   1
_entity_poly.type   'polypeptide(L)'
_entity_poly.pdbx_seq_one_letter_code
;TFDERVAEVFPDMIQRSVPGYSNIISMIGMLAERFVQPGTQVYDLGCSLGAATLSVRRNIHHDNCKIIAIDNSPAMIERC
RHHIDAYKAPTPVDVIEGDIRDIAIENASMVVLNFTLQFLEPSERQALLDKIYQGLNPGGALVLSEKFSFEDAKVGELLF
NMHHDFKRANGYSELEISQKRSMLENVMLTDSVETHKARLHNAGFEHSELWFQCFNFGSLVALKAEDAA
;
_entity_poly.pdbx_strand_id   A,B
#
# COMPACT_ATOMS: atom_id res chain seq x y z
N THR A 1 11.62 16.05 28.20
CA THR A 1 10.87 14.87 28.75
C THR A 1 9.81 14.40 27.74
N PHE A 2 9.21 15.33 26.99
CA PHE A 2 8.38 14.93 25.90
C PHE A 2 9.21 14.09 24.95
N ASP A 3 10.46 14.49 24.74
CA ASP A 3 11.41 13.71 23.88
C ASP A 3 11.56 12.27 24.41
N GLU A 4 11.80 12.14 25.71
CA GLU A 4 12.04 10.82 26.28
C GLU A 4 10.74 10.00 26.23
N ARG A 5 9.61 10.68 26.42
CA ARG A 5 8.30 10.03 26.54
C ARG A 5 7.87 9.48 25.19
N VAL A 6 8.13 10.24 24.13
CA VAL A 6 7.84 9.72 22.76
C VAL A 6 8.67 8.46 22.42
N ALA A 7 9.95 8.54 22.70
CA ALA A 7 10.87 7.46 22.40
C ALA A 7 10.50 6.20 23.14
N GLU A 8 9.89 6.33 24.30
CA GLU A 8 9.61 5.19 25.19
C GLU A 8 8.43 4.40 24.57
N VAL A 9 7.48 5.13 23.99
CA VAL A 9 6.21 4.56 23.47
C VAL A 9 6.24 4.49 21.94
N PHE A 10 7.34 4.93 21.34
CA PHE A 10 7.40 5.06 19.89
C PHE A 10 6.82 3.87 19.06
N PRO A 11 7.27 2.62 19.31
CA PRO A 11 6.82 1.53 18.47
C PRO A 11 5.32 1.40 18.47
N ASP A 12 4.72 1.48 19.66
CA ASP A 12 3.25 1.36 19.79
C ASP A 12 2.57 2.59 19.16
N MET A 13 3.11 3.79 19.43
CA MET A 13 2.55 5.01 18.87
C MET A 13 2.47 5.00 17.35
N ILE A 14 3.57 4.60 16.72
CA ILE A 14 3.64 4.47 15.25
C ILE A 14 2.72 3.41 14.74
N GLN A 15 2.70 2.26 15.42
CA GLN A 15 1.81 1.19 15.00
C GLN A 15 0.31 1.60 15.02
N ARG A 16 -0.09 2.36 16.03
CA ARG A 16 -1.47 2.80 16.13
C ARG A 16 -1.85 3.97 15.22
N SER A 17 -0.87 4.64 14.66
CA SER A 17 -1.15 5.86 13.90
C SER A 17 -0.70 5.88 12.45
N VAL A 18 0.22 5.01 12.05
CA VAL A 18 0.66 4.98 10.65
C VAL A 18 0.19 3.71 9.91
N PRO A 19 -0.89 3.81 9.09
CA PRO A 19 -1.29 2.57 8.47
C PRO A 19 -0.29 2.06 7.48
N GLY A 20 0.01 0.79 7.53
CA GLY A 20 1.02 0.23 6.65
C GLY A 20 2.45 0.23 7.10
N TYR A 21 2.68 0.76 8.30
CA TYR A 21 4.07 0.94 8.73
C TYR A 21 4.86 -0.36 8.79
N SER A 22 4.29 -1.43 9.36
CA SER A 22 4.99 -2.72 9.43
CA SER A 22 5.00 -2.73 9.44
C SER A 22 5.22 -3.32 8.04
N ASN A 23 4.24 -3.14 7.16
CA ASN A 23 4.35 -3.60 5.79
C ASN A 23 5.54 -2.94 5.08
N ILE A 24 5.63 -1.62 5.23
CA ILE A 24 6.77 -0.85 4.71
C ILE A 24 8.16 -1.29 5.26
N ILE A 25 8.25 -1.48 6.58
CA ILE A 25 9.46 -2.03 7.15
C ILE A 25 9.87 -3.37 6.54
N SER A 26 8.89 -4.29 6.35
CA SER A 26 9.14 -5.57 5.66
C SER A 26 9.64 -5.40 4.21
N MET A 27 9.10 -4.40 3.53
CA MET A 27 9.40 -4.16 2.12
C MET A 27 10.83 -3.60 2.02
N ILE A 28 11.17 -2.71 2.95
CA ILE A 28 12.51 -2.22 3.07
C ILE A 28 13.51 -3.37 3.19
N GLY A 29 13.24 -4.33 4.07
CA GLY A 29 14.12 -5.50 4.23
C GLY A 29 14.20 -6.32 2.90
N MET A 30 13.04 -6.48 2.23
CA MET A 30 13.09 -7.15 0.95
C MET A 30 13.96 -6.44 -0.08
N LEU A 31 13.76 -5.15 -0.23
CA LEU A 31 14.58 -4.34 -1.12
C LEU A 31 16.06 -4.39 -0.77
N ALA A 32 16.42 -4.34 0.52
CA ALA A 32 17.79 -4.51 0.94
C ALA A 32 18.44 -5.80 0.48
N GLU A 33 17.69 -6.90 0.47
CA GLU A 33 18.24 -8.18 0.07
C GLU A 33 18.74 -8.07 -1.37
N ARG A 34 18.00 -7.36 -2.21
CA ARG A 34 18.41 -7.23 -3.61
C ARG A 34 19.36 -6.09 -3.89
N PHE A 35 19.32 -5.03 -3.11
CA PHE A 35 20.04 -3.81 -3.45
C PHE A 35 21.32 -3.51 -2.69
N VAL A 36 21.44 -3.96 -1.45
CA VAL A 36 22.67 -3.70 -0.72
C VAL A 36 23.83 -4.53 -1.32
N GLN A 37 24.89 -3.85 -1.74
CA GLN A 37 26.03 -4.46 -2.42
C GLN A 37 27.21 -4.67 -1.44
N PRO A 38 28.00 -5.71 -1.64
CA PRO A 38 29.18 -5.86 -0.76
C PRO A 38 30.10 -4.64 -0.77
N GLY A 39 30.59 -4.26 0.42
CA GLY A 39 31.55 -3.17 0.57
C GLY A 39 30.93 -1.78 0.54
N THR A 40 29.62 -1.67 0.68
CA THR A 40 28.95 -0.39 0.57
C THR A 40 28.21 -0.06 1.85
N GLN A 41 27.79 1.20 1.91
CA GLN A 41 26.99 1.71 2.99
C GLN A 41 25.50 1.85 2.73
N VAL A 42 24.72 1.77 3.81
CA VAL A 42 23.34 2.12 3.84
C VAL A 42 23.06 3.21 4.85
N TYR A 43 22.23 4.18 4.47
CA TYR A 43 21.82 5.25 5.36
C TYR A 43 20.37 5.17 5.80
N ASP A 44 20.18 5.20 7.10
CA ASP A 44 18.84 5.30 7.68
C ASP A 44 18.73 6.73 8.26
N LEU A 45 18.07 7.64 7.54
CA LEU A 45 18.00 9.10 7.86
C LEU A 45 16.74 9.38 8.76
N GLY A 46 16.94 9.85 9.98
CA GLY A 46 15.84 9.96 10.96
C GLY A 46 15.49 8.57 11.44
N CYS A 47 16.47 7.91 12.07
CA CYS A 47 16.36 6.48 12.32
C CYS A 47 15.41 6.12 13.45
N SER A 48 15.15 7.09 14.33
CA SER A 48 14.34 6.89 15.54
C SER A 48 15.00 5.76 16.40
N LEU A 49 14.30 4.64 16.60
CA LEU A 49 14.84 3.54 17.41
C LEU A 49 15.62 2.50 16.61
N GLY A 50 15.67 2.68 15.29
CA GLY A 50 16.45 1.83 14.43
C GLY A 50 15.60 0.80 13.74
N ALA A 51 14.32 0.99 13.69
CA ALA A 51 13.49 -0.04 13.00
C ALA A 51 13.90 -0.34 11.53
N ALA A 52 14.07 0.72 10.72
CA ALA A 52 14.44 0.55 9.32
C ALA A 52 15.84 -0.06 9.27
N THR A 53 16.74 0.44 10.11
CA THR A 53 18.10 -0.06 10.18
C THR A 53 18.13 -1.59 10.43
N LEU A 54 17.39 -2.07 11.43
CA LEU A 54 17.39 -3.46 11.79
C LEU A 54 16.77 -4.33 10.66
N SER A 55 15.80 -3.76 10.01
CA SER A 55 15.17 -4.49 8.87
C SER A 55 16.18 -4.71 7.72
N VAL A 56 16.88 -3.65 7.35
CA VAL A 56 17.97 -3.75 6.39
C VAL A 56 19.03 -4.74 6.85
N ARG A 57 19.51 -4.55 8.11
CA ARG A 57 20.60 -5.35 8.62
C ARG A 57 20.35 -6.86 8.59
N ARG A 58 19.12 -7.25 8.92
N ARG A 58 19.13 -7.24 8.93
CA ARG A 58 18.69 -8.66 8.89
CA ARG A 58 18.73 -8.64 8.95
C ARG A 58 18.72 -9.22 7.47
C ARG A 58 18.62 -9.20 7.50
N ASN A 59 18.70 -8.33 6.49
CA ASN A 59 18.63 -8.73 5.09
C ASN A 59 19.95 -8.49 4.33
N ILE A 60 21.02 -8.14 5.05
CA ILE A 60 22.36 -8.07 4.47
C ILE A 60 23.13 -9.39 4.67
N HIS A 61 23.48 -10.01 3.54
CA HIS A 61 24.17 -11.30 3.51
C HIS A 61 25.55 -11.18 2.85
N HIS A 62 26.06 -9.98 2.82
CA HIS A 62 27.32 -9.73 2.14
C HIS A 62 28.26 -9.19 3.19
N ASP A 63 29.55 -9.23 2.85
CA ASP A 63 30.62 -8.77 3.69
C ASP A 63 30.93 -7.30 3.48
N ASN A 64 31.53 -6.74 4.53
CA ASN A 64 32.12 -5.39 4.52
C ASN A 64 31.14 -4.26 4.24
N CYS A 65 29.86 -4.47 4.56
CA CYS A 65 28.87 -3.39 4.56
C CYS A 65 28.86 -2.66 5.91
N LYS A 66 28.27 -1.46 5.91
CA LYS A 66 28.04 -0.68 7.13
C LYS A 66 26.71 0.06 7.00
N ILE A 67 25.94 0.12 8.08
CA ILE A 67 24.76 0.98 8.09
C ILE A 67 25.07 2.23 8.97
N ILE A 68 24.64 3.39 8.50
CA ILE A 68 24.81 4.65 9.25
C ILE A 68 23.40 5.14 9.59
N ALA A 69 23.11 5.19 10.88
CA ALA A 69 21.80 5.57 11.39
C ALA A 69 21.94 6.89 12.15
N ILE A 70 21.14 7.87 11.67
CA ILE A 70 21.27 9.25 12.14
CA ILE A 70 21.25 9.28 12.08
C ILE A 70 19.92 9.80 12.60
N ASP A 71 19.92 10.48 13.73
CA ASP A 71 18.73 11.16 14.25
C ASP A 71 19.22 12.32 15.11
N ASN A 72 18.44 13.39 15.21
CA ASN A 72 18.92 14.51 16.09
C ASN A 72 18.21 14.57 17.43
N SER A 73 17.43 13.55 17.75
CA SER A 73 16.78 13.44 19.05
C SER A 73 17.68 12.63 19.95
N PRO A 74 18.19 13.28 21.02
CA PRO A 74 19.04 12.56 21.97
C PRO A 74 18.38 11.31 22.57
N ALA A 75 17.09 11.37 22.85
CA ALA A 75 16.37 10.27 23.45
C ALA A 75 16.25 9.11 22.48
N MET A 76 16.00 9.43 21.21
CA MET A 76 15.96 8.41 20.13
C MET A 76 17.31 7.75 19.97
N ILE A 77 18.37 8.58 19.97
CA ILE A 77 19.71 8.04 19.76
C ILE A 77 20.11 7.08 20.87
N GLU A 78 19.93 7.49 22.13
CA GLU A 78 20.37 6.68 23.26
C GLU A 78 19.75 5.28 23.15
N ARG A 79 18.46 5.25 22.88
CA ARG A 79 17.74 3.99 22.82
C ARG A 79 18.06 3.18 21.60
N CYS A 80 18.27 3.85 20.47
CA CYS A 80 18.64 3.22 19.20
C CYS A 80 19.97 2.53 19.38
N ARG A 81 20.94 3.19 20.07
CA ARG A 81 22.22 2.50 20.17
C ARG A 81 22.06 1.24 21.02
N HIS A 82 21.28 1.33 22.08
CA HIS A 82 21.03 0.17 22.91
C HIS A 82 20.27 -0.92 22.16
N HIS A 83 19.30 -0.53 21.31
CA HIS A 83 18.44 -1.47 20.55
C HIS A 83 19.31 -2.24 19.56
N ILE A 84 20.17 -1.54 18.84
CA ILE A 84 21.06 -2.19 17.92
C ILE A 84 22.00 -3.16 18.56
N ASP A 85 22.61 -2.74 19.68
CA ASP A 85 23.51 -3.59 20.44
C ASP A 85 22.85 -4.85 21.02
N ALA A 86 21.52 -4.92 20.99
CA ALA A 86 20.77 -6.08 21.56
C ALA A 86 20.64 -7.29 20.61
N TYR A 87 20.89 -7.04 19.31
CA TYR A 87 20.82 -8.03 18.25
C TYR A 87 22.15 -8.26 17.56
N LYS A 88 22.56 -9.52 17.48
CA LYS A 88 23.82 -9.88 16.81
C LYS A 88 23.68 -9.89 15.28
N ALA A 89 24.65 -9.28 14.58
CA ALA A 89 24.75 -9.37 13.13
C ALA A 89 26.16 -9.00 12.71
N PRO A 90 26.60 -9.49 11.55
CA PRO A 90 27.96 -9.12 11.09
C PRO A 90 28.12 -7.67 10.65
N THR A 91 27.07 -7.05 10.15
CA THR A 91 27.19 -5.70 9.61
C THR A 91 27.19 -4.70 10.80
N PRO A 92 28.22 -3.84 10.92
CA PRO A 92 28.15 -2.87 12.00
C PRO A 92 27.23 -1.68 11.71
N VAL A 93 26.83 -0.96 12.76
CA VAL A 93 26.06 0.26 12.66
C VAL A 93 26.74 1.38 13.39
N ASP A 94 26.92 2.47 12.69
CA ASP A 94 27.32 3.74 13.28
C ASP A 94 26.04 4.48 13.61
N VAL A 95 25.81 4.67 14.90
CA VAL A 95 24.64 5.40 15.33
C VAL A 95 25.09 6.82 15.67
N ILE A 96 24.59 7.80 14.95
CA ILE A 96 25.09 9.19 15.02
C ILE A 96 24.00 10.15 15.44
N GLU A 97 24.26 10.95 16.46
CA GLU A 97 23.43 12.04 16.80
C GLU A 97 23.88 13.23 15.97
N GLY A 98 22.97 13.66 15.12
CA GLY A 98 23.26 14.75 14.23
C GLY A 98 22.08 15.04 13.32
N ASP A 99 22.28 16.03 12.48
CA ASP A 99 21.21 16.53 11.66
C ASP A 99 21.37 15.97 10.23
N ILE A 100 20.34 15.40 9.65
CA ILE A 100 20.50 14.92 8.32
C ILE A 100 20.72 16.00 7.27
N ARG A 101 20.44 17.26 7.60
CA ARG A 101 20.75 18.35 6.63
C ARG A 101 22.26 18.54 6.49
N ASP A 102 23.03 18.08 7.47
CA ASP A 102 24.50 18.29 7.54
C ASP A 102 25.37 17.11 7.11
N ILE A 103 24.84 15.90 7.18
CA ILE A 103 25.57 14.66 6.99
C ILE A 103 25.90 14.32 5.52
N ALA A 104 27.16 13.97 5.27
CA ALA A 104 27.59 13.53 3.93
C ALA A 104 27.04 12.13 3.57
N ILE A 105 26.71 11.91 2.30
CA ILE A 105 26.20 10.56 1.86
C ILE A 105 27.22 10.01 0.89
N GLU A 106 27.91 8.95 1.29
CA GLU A 106 29.05 8.40 0.55
C GLU A 106 28.84 6.91 0.31
N ASN A 107 29.25 6.45 -0.87
CA ASN A 107 29.34 5.00 -1.15
C ASN A 107 28.08 4.23 -0.73
N ALA A 108 26.92 4.81 -1.02
CA ALA A 108 25.68 4.27 -0.55
C ALA A 108 24.97 3.38 -1.61
N SER A 109 24.71 2.13 -1.26
CA SER A 109 23.85 1.27 -2.16
C SER A 109 22.36 1.51 -1.90
N MET A 110 22.05 2.04 -0.75
CA MET A 110 20.67 2.29 -0.34
C MET A 110 20.57 3.37 0.70
N VAL A 111 19.52 4.16 0.62
CA VAL A 111 19.21 5.19 1.59
C VAL A 111 17.72 5.17 1.94
N VAL A 112 17.42 5.36 3.22
CA VAL A 112 16.04 5.23 3.67
C VAL A 112 15.61 6.51 4.37
N LEU A 113 14.48 7.04 3.88
CA LEU A 113 13.82 8.17 4.51
C LEU A 113 12.43 7.68 4.91
N ASN A 114 12.35 6.99 6.03
CA ASN A 114 11.10 6.34 6.39
C ASN A 114 10.39 7.24 7.42
N PHE A 115 9.53 8.10 6.94
CA PHE A 115 8.76 9.06 7.70
C PHE A 115 9.60 10.12 8.39
N THR A 116 10.46 10.73 7.57
CA THR A 116 11.46 11.68 8.06
C THR A 116 11.47 13.01 7.29
N LEU A 117 11.38 12.95 5.96
CA LEU A 117 11.44 14.18 5.13
C LEU A 117 10.42 15.22 5.56
N GLN A 118 9.23 14.76 5.96
CA GLN A 118 8.14 15.64 6.42
C GLN A 118 8.57 16.55 7.58
N PHE A 119 9.58 16.13 8.35
CA PHE A 119 10.05 16.88 9.52
C PHE A 119 10.99 18.01 9.13
N LEU A 120 11.45 18.04 7.89
CA LEU A 120 12.26 19.20 7.44
C LEU A 120 11.34 20.29 6.90
N GLU A 121 11.81 21.53 6.88
CA GLU A 121 11.02 22.55 6.23
C GLU A 121 10.91 22.22 4.75
N PRO A 122 9.78 22.58 4.14
CA PRO A 122 9.65 22.29 2.71
C PRO A 122 10.85 22.78 1.89
N SER A 123 11.40 23.94 2.25
CA SER A 123 12.53 24.57 1.52
C SER A 123 13.92 23.96 1.78
N GLU A 124 13.96 22.95 2.64
CA GLU A 124 15.15 22.16 2.87
C GLU A 124 15.10 20.79 2.16
N ARG A 125 13.94 20.41 1.63
CA ARG A 125 13.73 19.02 1.17
C ARG A 125 14.46 18.70 -0.12
N GLN A 126 14.38 19.60 -1.10
CA GLN A 126 15.10 19.38 -2.35
C GLN A 126 16.61 19.17 -2.15
N ALA A 127 17.25 20.01 -1.32
CA ALA A 127 18.70 19.94 -1.10
C ALA A 127 19.14 18.57 -0.54
N LEU A 128 18.34 18.02 0.36
CA LEU A 128 18.61 16.73 0.94
C LEU A 128 18.44 15.63 -0.11
N LEU A 129 17.39 15.73 -0.92
CA LEU A 129 17.19 14.72 -1.97
C LEU A 129 18.29 14.80 -3.05
N ASP A 130 18.79 16.03 -3.30
CA ASP A 130 19.86 16.20 -4.29
C ASP A 130 21.14 15.51 -3.79
N LYS A 131 21.42 15.67 -2.49
CA LYS A 131 22.59 15.10 -1.87
C LYS A 131 22.54 13.56 -1.88
N ILE A 132 21.39 12.99 -1.52
CA ILE A 132 21.18 11.57 -1.59
C ILE A 132 21.41 11.03 -3.00
N TYR A 133 20.86 11.69 -4.01
CA TYR A 133 21.04 11.18 -5.36
C TYR A 133 22.53 11.12 -5.70
N GLN A 134 23.27 12.19 -5.41
CA GLN A 134 24.68 12.27 -5.71
C GLN A 134 25.52 11.27 -4.96
N GLY A 135 25.18 11.03 -3.70
CA GLY A 135 25.88 10.07 -2.85
C GLY A 135 25.56 8.60 -3.08
N LEU A 136 24.43 8.32 -3.71
CA LEU A 136 24.11 6.91 -4.07
C LEU A 136 25.12 6.43 -5.15
N ASN A 137 25.55 5.18 -5.05
CA ASN A 137 26.24 4.56 -6.15
C ASN A 137 25.28 4.33 -7.29
N PRO A 138 25.78 4.26 -8.53
CA PRO A 138 24.93 3.81 -9.63
C PRO A 138 24.23 2.48 -9.29
N GLY A 139 22.95 2.34 -9.66
CA GLY A 139 22.09 1.18 -9.33
C GLY A 139 21.49 1.23 -7.92
N GLY A 140 21.86 2.21 -7.13
CA GLY A 140 21.32 2.33 -5.79
C GLY A 140 19.90 2.84 -5.67
N ALA A 141 19.34 2.65 -4.50
CA ALA A 141 17.91 2.91 -4.25
C ALA A 141 17.66 3.82 -3.04
N LEU A 142 16.67 4.70 -3.20
CA LEU A 142 16.14 5.48 -2.11
C LEU A 142 14.74 5.01 -1.81
N VAL A 143 14.42 4.84 -0.54
CA VAL A 143 13.06 4.59 -0.10
C VAL A 143 12.58 5.87 0.63
N LEU A 144 11.48 6.41 0.14
CA LEU A 144 10.89 7.64 0.68
C LEU A 144 9.47 7.37 1.09
N SER A 145 9.27 7.25 2.40
CA SER A 145 7.98 7.04 2.99
C SER A 145 7.48 8.26 3.75
N GLU A 146 6.23 8.64 3.47
CA GLU A 146 5.62 9.90 3.90
C GLU A 146 4.10 9.75 4.11
N LYS A 147 3.58 10.58 5.00
CA LYS A 147 2.19 10.95 4.99
C LYS A 147 2.00 11.93 3.84
N PHE A 148 1.08 11.62 2.94
CA PHE A 148 0.82 12.48 1.80
C PHE A 148 -0.36 13.44 1.99
N SER A 149 -0.34 14.54 1.24
CA SER A 149 -1.56 15.31 1.04
C SER A 149 -2.02 14.96 -0.35
N PHE A 150 -3.23 15.38 -0.64
CA PHE A 150 -3.91 15.08 -1.92
C PHE A 150 -4.40 16.32 -2.61
N GLU A 151 -4.12 16.42 -3.92
CA GLU A 151 -4.46 17.62 -4.68
C GLU A 151 -5.97 17.67 -4.96
N ASP A 152 -6.61 16.50 -5.00
CA ASP A 152 -8.06 16.40 -5.05
C ASP A 152 -8.56 16.41 -3.65
N ALA A 153 -9.23 17.50 -3.26
CA ALA A 153 -9.69 17.68 -1.87
C ALA A 153 -10.72 16.63 -1.43
N LYS A 154 -11.53 16.15 -2.35
CA LYS A 154 -12.57 15.18 -1.96
C LYS A 154 -11.93 13.82 -1.59
N VAL A 155 -10.91 13.43 -2.33
CA VAL A 155 -10.09 12.27 -2.00
C VAL A 155 -9.37 12.50 -0.66
N GLY A 156 -8.82 13.71 -0.50
CA GLY A 156 -8.08 14.05 0.71
C GLY A 156 -8.95 13.92 1.94
N GLU A 157 -10.15 14.49 1.86
CA GLU A 157 -11.15 14.34 2.94
C GLU A 157 -11.45 12.87 3.26
N LEU A 158 -11.71 12.09 2.22
CA LEU A 158 -12.02 10.66 2.42
C LEU A 158 -10.89 9.92 3.18
N LEU A 159 -9.67 10.09 2.69
CA LEU A 159 -8.52 9.37 3.22
C LEU A 159 -8.17 9.89 4.63
N PHE A 160 -8.41 11.19 4.85
CA PHE A 160 -8.36 11.75 6.22
C PHE A 160 -9.35 11.04 7.17
N ASN A 161 -10.56 10.78 6.69
CA ASN A 161 -11.58 10.11 7.48
C ASN A 161 -11.21 8.66 7.72
N MET A 162 -10.69 7.99 6.69
CA MET A 162 -10.27 6.63 6.87
C MET A 162 -9.11 6.53 7.92
N HIS A 163 -8.22 7.52 7.89
CA HIS A 163 -7.08 7.52 8.82
C HIS A 163 -7.63 7.68 10.24
N HIS A 164 -8.52 8.64 10.45
CA HIS A 164 -9.29 8.78 11.70
C HIS A 164 -9.90 7.47 12.19
N ASP A 165 -10.61 6.75 11.30
CA ASP A 165 -11.22 5.49 11.67
C ASP A 165 -10.18 4.43 12.04
N PHE A 166 -9.05 4.45 11.35
CA PHE A 166 -7.95 3.52 11.63
C PHE A 166 -7.44 3.76 13.07
N LYS A 167 -7.17 5.03 13.36
CA LYS A 167 -6.68 5.39 14.72
C LYS A 167 -7.69 5.02 15.81
N ARG A 168 -8.97 5.23 15.56
CA ARG A 168 -10.01 4.85 16.48
C ARG A 168 -10.08 3.31 16.66
N ALA A 169 -10.06 2.55 15.57
CA ALA A 169 -10.08 1.08 15.67
C ALA A 169 -8.87 0.54 16.52
N ASN A 170 -7.76 1.25 16.47
CA ASN A 170 -6.51 0.82 17.12
C ASN A 170 -6.29 1.43 18.52
N GLY A 171 -7.26 2.18 19.02
CA GLY A 171 -7.17 2.75 20.39
C GLY A 171 -6.03 3.73 20.55
N TYR A 172 -5.77 4.46 19.49
CA TYR A 172 -4.71 5.43 19.56
C TYR A 172 -4.83 6.34 20.75
N SER A 173 -6.05 6.75 21.09
CA SER A 173 -6.20 7.78 22.14
C SER A 173 -5.95 7.20 23.53
N GLU A 174 -5.72 5.90 23.64
CA GLU A 174 -5.28 5.31 24.95
C GLU A 174 -3.92 5.88 25.39
N LEU A 175 -3.11 6.25 24.39
CA LEU A 175 -1.77 6.75 24.63
C LEU A 175 -1.80 8.18 25.18
N GLU A 176 -1.08 8.36 26.28
CA GLU A 176 -0.97 9.63 26.94
C GLU A 176 -0.45 10.69 25.95
N ILE A 177 0.50 10.27 25.13
CA ILE A 177 1.15 11.16 24.16
C ILE A 177 0.28 11.55 22.96
N SER A 178 -0.89 10.90 22.83
CA SER A 178 -1.62 11.01 21.56
C SER A 178 -2.10 12.43 21.22
N GLN A 179 -2.61 13.16 22.21
CA GLN A 179 -3.11 14.50 21.94
C GLN A 179 -1.98 15.39 21.38
N LYS A 180 -0.85 15.43 22.12
CA LYS A 180 0.28 16.30 21.76
C LYS A 180 0.93 15.85 20.44
N ARG A 181 1.12 14.56 20.24
CA ARG A 181 1.68 14.09 18.99
C ARG A 181 0.74 14.29 17.78
N SER A 182 -0.56 14.17 18.00
CA SER A 182 -1.55 14.50 16.93
C SER A 182 -1.44 15.96 16.50
N MET A 183 -1.26 16.84 17.47
N MET A 183 -1.27 16.84 17.49
CA MET A 183 -1.15 18.26 17.19
CA MET A 183 -1.10 18.27 17.28
C MET A 183 0.14 18.56 16.42
C MET A 183 0.12 18.50 16.41
N LEU A 184 1.25 17.99 16.89
CA LEU A 184 2.57 18.21 16.26
C LEU A 184 2.57 17.64 14.83
N GLU A 185 1.88 16.54 14.59
CA GLU A 185 1.64 15.99 13.24
C GLU A 185 0.90 16.96 12.27
N ASN A 186 -0.02 17.73 12.83
CA ASN A 186 -0.81 18.67 12.04
C ASN A 186 -0.10 19.96 11.79
N VAL A 187 1.12 20.06 12.26
CA VAL A 187 1.92 21.24 12.02
C VAL A 187 2.96 21.01 10.93
N MET A 188 3.34 19.76 10.73
CA MET A 188 4.36 19.52 9.71
C MET A 188 3.71 19.40 8.34
N LEU A 189 4.28 20.04 7.36
CA LEU A 189 3.64 20.25 6.07
C LEU A 189 3.84 19.03 5.14
N THR A 190 2.76 18.41 4.68
CA THR A 190 2.90 17.21 3.87
C THR A 190 2.78 17.61 2.37
N ASP A 191 3.31 16.76 1.50
CA ASP A 191 3.31 17.01 0.07
C ASP A 191 2.52 15.92 -0.60
N SER A 192 2.03 16.24 -1.80
CA SER A 192 1.36 15.26 -2.63
C SER A 192 2.34 14.30 -3.28
N VAL A 193 1.81 13.22 -3.86
CA VAL A 193 2.66 12.25 -4.53
C VAL A 193 3.33 12.96 -5.74
N GLU A 194 2.58 13.86 -6.37
CA GLU A 194 3.06 14.58 -7.56
C GLU A 194 4.27 15.41 -7.21
N THR A 195 4.19 16.09 -6.07
CA THR A 195 5.30 16.89 -5.53
C THR A 195 6.50 16.02 -5.25
N HIS A 196 6.29 14.90 -4.55
CA HIS A 196 7.38 13.98 -4.26
C HIS A 196 8.09 13.51 -5.53
N LYS A 197 7.31 13.15 -6.53
CA LYS A 197 7.90 12.65 -7.77
C LYS A 197 8.67 13.73 -8.47
N ALA A 198 8.12 14.93 -8.46
CA ALA A 198 8.82 16.09 -9.08
C ALA A 198 10.15 16.34 -8.39
N ARG A 199 10.16 16.31 -7.07
CA ARG A 199 11.40 16.48 -6.35
C ARG A 199 12.45 15.39 -6.66
N LEU A 200 12.01 14.14 -6.70
CA LEU A 200 12.87 13.01 -7.01
C LEU A 200 13.45 13.16 -8.42
N HIS A 201 12.62 13.54 -9.37
CA HIS A 201 13.07 13.75 -10.73
C HIS A 201 14.15 14.86 -10.77
N ASN A 202 13.85 15.96 -10.10
CA ASN A 202 14.75 17.13 -10.17
C ASN A 202 16.00 16.95 -9.32
N ALA A 203 16.04 15.89 -8.48
CA ALA A 203 17.26 15.51 -7.77
C ALA A 203 18.19 14.68 -8.65
N GLY A 204 17.62 14.12 -9.72
CA GLY A 204 18.37 13.37 -10.70
C GLY A 204 17.91 11.93 -10.90
N PHE A 205 16.98 11.44 -10.10
CA PHE A 205 16.55 10.04 -10.18
C PHE A 205 15.92 9.78 -11.55
N GLU A 206 16.47 8.78 -12.22
CA GLU A 206 16.05 8.41 -13.52
C GLU A 206 14.75 7.59 -13.45
N HIS A 207 14.50 6.94 -12.31
CA HIS A 207 13.31 6.11 -12.12
C HIS A 207 12.74 6.30 -10.73
N SER A 208 11.43 6.43 -10.65
CA SER A 208 10.77 6.50 -9.33
C SER A 208 9.33 6.17 -9.43
N GLU A 209 8.79 5.60 -8.36
CA GLU A 209 7.41 5.16 -8.36
C GLU A 209 6.95 4.88 -6.97
N LEU A 210 5.68 5.14 -6.71
CA LEU A 210 5.03 4.65 -5.51
C LEU A 210 5.07 3.12 -5.52
N TRP A 211 5.53 2.52 -4.43
CA TRP A 211 5.49 1.10 -4.28
C TRP A 211 4.65 0.63 -3.08
N PHE A 212 4.27 1.55 -2.21
CA PHE A 212 3.31 1.23 -1.16
C PHE A 212 2.37 2.41 -0.97
N GLN A 213 1.11 2.11 -0.66
CA GLN A 213 0.15 3.08 -0.18
C GLN A 213 -0.92 2.43 0.66
N CYS A 214 -1.31 3.13 1.71
CA CYS A 214 -2.49 2.71 2.51
C CYS A 214 -3.12 3.98 3.03
N PHE A 215 -4.31 4.25 2.51
CA PHE A 215 -5.01 5.50 2.77
C PHE A 215 -4.04 6.68 2.42
N ASN A 216 -3.86 7.62 3.34
CA ASN A 216 -2.99 8.82 3.13
C ASN A 216 -1.52 8.68 3.54
N PHE A 217 -1.02 7.44 3.64
CA PHE A 217 0.40 7.20 3.91
C PHE A 217 0.97 6.31 2.83
N GLY A 218 2.22 6.52 2.43
CA GLY A 218 2.78 5.63 1.43
C GLY A 218 4.26 5.79 1.27
N SER A 219 4.80 5.14 0.25
CA SER A 219 6.22 5.01 0.10
C SER A 219 6.59 4.99 -1.34
N LEU A 220 7.62 5.76 -1.69
CA LEU A 220 8.18 5.78 -3.03
C LEU A 220 9.53 5.10 -3.04
N VAL A 221 9.85 4.42 -4.14
CA VAL A 221 11.18 3.95 -4.37
C VAL A 221 11.73 4.69 -5.59
N ALA A 222 12.97 5.09 -5.46
CA ALA A 222 13.65 5.87 -6.51
C ALA A 222 15.00 5.24 -6.80
N LEU A 223 15.26 5.02 -8.08
CA LEU A 223 16.44 4.26 -8.46
C LEU A 223 17.37 5.13 -9.24
N LYS A 224 18.65 5.11 -8.87
CA LYS A 224 19.72 5.71 -9.66
C LYS A 224 20.17 4.75 -10.80
N ALA A 225 20.29 5.29 -12.00
CA ALA A 225 20.68 4.49 -13.13
C ALA A 225 22.01 3.79 -12.91
N GLU A 226 22.11 2.58 -13.45
CA GLU A 226 23.35 1.80 -13.40
C GLU A 226 24.49 2.45 -14.21
N ASP A 227 24.16 3.11 -15.30
CA ASP A 227 25.14 3.86 -16.09
C ASP A 227 25.28 5.35 -15.70
N ALA A 228 24.76 5.74 -14.53
CA ALA A 228 24.89 7.13 -14.07
C ALA A 228 26.36 7.53 -13.81
N ALA A 229 26.67 8.79 -14.09
CA ALA A 229 27.94 9.40 -13.72
C ALA A 229 27.95 9.62 -12.19
N PHE B 2 -11.01 -28.76 -12.38
CA PHE B 2 -10.17 -27.56 -12.31
C PHE B 2 -10.90 -26.35 -11.78
N ASP B 3 -12.08 -26.00 -12.29
CA ASP B 3 -12.69 -24.81 -11.66
C ASP B 3 -13.03 -25.07 -10.20
N GLU B 4 -13.50 -26.29 -9.90
CA GLU B 4 -13.72 -26.71 -8.52
C GLU B 4 -12.40 -26.70 -7.70
N ARG B 5 -11.29 -27.10 -8.34
CA ARG B 5 -10.01 -27.19 -7.65
C ARG B 5 -9.53 -25.78 -7.28
N VAL B 6 -9.74 -24.84 -8.19
CA VAL B 6 -9.39 -23.42 -7.96
C VAL B 6 -10.28 -22.92 -6.86
N ALA B 7 -11.59 -23.22 -7.00
CA ALA B 7 -12.56 -22.79 -5.98
C ALA B 7 -12.18 -23.36 -4.60
N GLU B 8 -11.83 -24.64 -4.51
CA GLU B 8 -11.40 -25.21 -3.20
C GLU B 8 -10.27 -24.41 -2.55
N VAL B 9 -9.23 -24.12 -3.31
CA VAL B 9 -8.00 -23.57 -2.72
C VAL B 9 -7.91 -22.01 -2.74
N PHE B 10 -8.92 -21.37 -3.30
CA PHE B 10 -8.86 -19.94 -3.63
C PHE B 10 -8.32 -19.01 -2.54
N PRO B 11 -8.85 -19.10 -1.29
CA PRO B 11 -8.35 -18.18 -0.25
C PRO B 11 -6.85 -18.30 -0.05
N ASP B 12 -6.36 -19.53 -0.02
CA ASP B 12 -4.95 -19.75 0.28
C ASP B 12 -4.14 -19.30 -0.95
N MET B 13 -4.60 -19.68 -2.14
CA MET B 13 -3.97 -19.22 -3.38
C MET B 13 -3.85 -17.69 -3.48
N ILE B 14 -4.92 -16.97 -3.18
CA ILE B 14 -4.92 -15.50 -3.33
C ILE B 14 -3.98 -14.90 -2.27
N GLN B 15 -4.03 -15.46 -1.07
CA GLN B 15 -3.16 -14.99 0.05
C GLN B 15 -1.71 -15.12 -0.31
N ARG B 16 -1.35 -16.21 -0.99
CA ARG B 16 0.04 -16.46 -1.30
C ARG B 16 0.50 -15.78 -2.58
N SER B 17 -0.42 -15.26 -3.39
CA SER B 17 -0.05 -14.69 -4.70
C SER B 17 -0.34 -13.16 -4.88
N VAL B 18 -1.19 -12.56 -4.04
CA VAL B 18 -1.61 -11.17 -4.19
C VAL B 18 -1.13 -10.37 -2.95
N PRO B 19 0.00 -9.68 -3.06
CA PRO B 19 0.41 -8.84 -1.90
C PRO B 19 -0.65 -7.83 -1.54
N GLY B 20 -0.98 -7.71 -0.24
CA GLY B 20 -1.98 -6.74 0.23
C GLY B 20 -3.47 -7.09 0.15
N TYR B 21 -3.77 -8.26 -0.45
CA TYR B 21 -5.14 -8.65 -0.53
C TYR B 21 -5.96 -8.45 0.75
N SER B 22 -5.57 -9.09 1.85
CA SER B 22 -6.26 -8.98 3.18
C SER B 22 -6.41 -7.52 3.66
N ASN B 23 -5.39 -6.71 3.40
CA ASN B 23 -5.51 -5.30 3.69
C ASN B 23 -6.62 -4.61 2.91
N ILE B 24 -6.69 -4.93 1.63
CA ILE B 24 -7.72 -4.33 0.76
C ILE B 24 -9.08 -4.73 1.27
N ILE B 25 -9.26 -6.02 1.55
CA ILE B 25 -10.55 -6.53 2.04
C ILE B 25 -10.97 -5.79 3.30
N SER B 26 -10.01 -5.50 4.23
CA SER B 26 -10.32 -4.76 5.47
CA SER B 26 -10.32 -4.76 5.45
C SER B 26 -10.75 -3.32 5.15
N MET B 27 -10.01 -2.68 4.23
CA MET B 27 -10.30 -1.31 3.77
C MET B 27 -11.69 -1.25 3.07
N ILE B 28 -12.02 -2.26 2.31
CA ILE B 28 -13.37 -2.35 1.71
C ILE B 28 -14.45 -2.27 2.78
N GLY B 29 -14.32 -3.03 3.89
CA GLY B 29 -15.21 -2.91 5.06
C GLY B 29 -15.29 -1.51 5.67
N MET B 30 -14.14 -0.88 5.93
CA MET B 30 -14.12 0.48 6.50
C MET B 30 -14.90 1.48 5.63
N LEU B 31 -14.67 1.40 4.32
CA LEU B 31 -15.41 2.22 3.32
C LEU B 31 -16.92 1.93 3.36
N ALA B 32 -17.27 0.69 3.57
CA ALA B 32 -18.68 0.32 3.54
C ALA B 32 -19.39 0.97 4.70
N GLU B 33 -18.74 0.97 5.87
CA GLU B 33 -19.34 1.56 7.03
C GLU B 33 -19.72 3.00 6.76
N ARG B 34 -18.96 3.70 5.93
CA ARG B 34 -19.25 5.11 5.68
C ARG B 34 -20.11 5.35 4.45
N PHE B 35 -20.04 4.47 3.49
CA PHE B 35 -20.66 4.76 2.19
C PHE B 35 -21.97 4.01 1.93
N VAL B 36 -22.25 2.93 2.64
CA VAL B 36 -23.54 2.25 2.41
C VAL B 36 -24.68 2.99 3.12
N GLN B 37 -25.56 3.55 2.30
CA GLN B 37 -26.71 4.32 2.78
C GLN B 37 -27.92 3.38 2.94
N PRO B 38 -28.78 3.67 3.94
CA PRO B 38 -29.94 2.80 4.13
C PRO B 38 -30.78 2.72 2.85
N GLY B 39 -31.35 1.55 2.58
CA GLY B 39 -32.22 1.38 1.43
C GLY B 39 -31.51 1.34 0.08
N THR B 40 -30.21 1.07 0.08
CA THR B 40 -29.46 0.98 -1.16
C THR B 40 -28.82 -0.38 -1.27
N GLN B 41 -28.22 -0.64 -2.42
CA GLN B 41 -27.58 -1.92 -2.69
C GLN B 41 -26.08 -1.77 -2.91
N VAL B 42 -25.36 -2.89 -2.74
CA VAL B 42 -23.92 -2.97 -3.06
C VAL B 42 -23.69 -4.10 -4.07
N TYR B 43 -22.82 -3.89 -5.07
CA TYR B 43 -22.53 -4.94 -6.06
C TYR B 43 -21.13 -5.44 -5.87
N ASP B 44 -20.97 -6.76 -5.84
CA ASP B 44 -19.63 -7.36 -5.75
C ASP B 44 -19.39 -8.08 -7.07
N LEU B 45 -18.67 -7.44 -7.99
CA LEU B 45 -18.56 -7.94 -9.36
C LEU B 45 -17.36 -8.89 -9.52
N GLY B 46 -17.64 -10.14 -9.84
CA GLY B 46 -16.61 -11.18 -9.85
C GLY B 46 -16.38 -11.56 -8.41
N CYS B 47 -17.41 -12.07 -7.77
CA CYS B 47 -17.30 -12.27 -6.33
C CYS B 47 -16.49 -13.45 -5.82
N SER B 48 -16.17 -14.45 -6.65
CA SER B 48 -15.41 -15.61 -6.19
C SER B 48 -16.20 -16.23 -5.04
N LEU B 49 -15.61 -16.26 -3.84
CA LEU B 49 -16.23 -16.91 -2.68
C LEU B 49 -16.87 -15.91 -1.68
N GLY B 50 -16.92 -14.63 -2.08
CA GLY B 50 -17.71 -13.63 -1.40
C GLY B 50 -16.85 -12.87 -0.40
N ALA B 51 -15.56 -12.97 -0.56
CA ALA B 51 -14.67 -12.30 0.41
C ALA B 51 -15.03 -10.81 0.59
N ALA B 52 -15.21 -10.10 -0.51
CA ALA B 52 -15.54 -8.68 -0.45
C ALA B 52 -16.97 -8.49 0.03
N THR B 53 -17.91 -9.31 -0.49
CA THR B 53 -19.27 -9.28 0.02
C THR B 53 -19.39 -9.37 1.53
N LEU B 54 -18.64 -10.28 2.14
CA LEU B 54 -18.78 -10.54 3.57
C LEU B 54 -18.18 -9.41 4.34
N SER B 55 -17.14 -8.78 3.77
CA SER B 55 -16.53 -7.60 4.37
C SER B 55 -17.46 -6.38 4.40
N VAL B 56 -18.08 -6.09 3.28
CA VAL B 56 -19.13 -5.08 3.27
C VAL B 56 -20.23 -5.39 4.31
N ARG B 57 -20.75 -6.64 4.21
CA ARG B 57 -21.91 -7.10 4.99
C ARG B 57 -21.75 -6.94 6.50
N ARG B 58 -20.52 -7.16 6.97
CA ARG B 58 -20.17 -7.06 8.41
C ARG B 58 -20.05 -5.59 8.82
N ASN B 59 -19.97 -4.69 7.83
CA ASN B 59 -19.97 -3.27 8.13
C ASN B 59 -21.20 -2.48 7.78
N ILE B 60 -22.26 -3.13 7.31
CA ILE B 60 -23.53 -2.44 7.16
C ILE B 60 -24.34 -2.57 8.45
N HIS B 61 -24.68 -1.44 9.04
CA HIS B 61 -25.58 -1.46 10.19
C HIS B 61 -26.89 -0.72 9.89
N HIS B 62 -27.10 -0.32 8.65
CA HIS B 62 -28.39 0.24 8.21
C HIS B 62 -29.35 -0.83 7.80
N ASP B 63 -30.63 -0.50 7.91
CA ASP B 63 -31.68 -1.41 7.51
C ASP B 63 -31.99 -1.23 6.02
N ASN B 64 -32.56 -2.28 5.43
CA ASN B 64 -33.11 -2.22 4.08
C ASN B 64 -32.05 -2.14 2.98
N CYS B 65 -30.85 -2.68 3.24
CA CYS B 65 -29.86 -2.81 2.17
C CYS B 65 -29.87 -4.24 1.59
N LYS B 66 -29.19 -4.41 0.44
CA LYS B 66 -28.97 -5.72 -0.19
C LYS B 66 -27.59 -5.72 -0.88
N ILE B 67 -26.85 -6.82 -0.78
CA ILE B 67 -25.67 -6.99 -1.62
C ILE B 67 -26.01 -7.93 -2.77
N ILE B 68 -25.54 -7.56 -3.94
CA ILE B 68 -25.70 -8.38 -5.15
C ILE B 68 -24.30 -8.84 -5.59
N ALA B 69 -24.09 -10.16 -5.49
CA ALA B 69 -22.80 -10.79 -5.79
C ALA B 69 -22.86 -11.70 -7.00
N ILE B 70 -21.90 -11.50 -7.89
CA ILE B 70 -22.00 -12.13 -9.22
C ILE B 70 -20.65 -12.65 -9.69
N ASP B 71 -20.69 -13.81 -10.31
CA ASP B 71 -19.51 -14.51 -10.82
C ASP B 71 -20.08 -15.41 -11.93
N ASN B 72 -19.28 -15.67 -12.95
CA ASN B 72 -19.79 -16.50 -14.05
C ASN B 72 -19.23 -17.92 -13.96
N SER B 73 -18.49 -18.20 -12.91
CA SER B 73 -17.95 -19.53 -12.61
C SER B 73 -18.92 -20.35 -11.73
N PRO B 74 -19.48 -21.47 -12.23
CA PRO B 74 -20.47 -22.10 -11.34
C PRO B 74 -19.90 -22.73 -10.10
N ALA B 75 -18.67 -23.22 -10.19
CA ALA B 75 -17.92 -23.65 -9.02
C ALA B 75 -17.74 -22.59 -7.89
N MET B 76 -17.32 -21.35 -8.24
CA MET B 76 -17.25 -20.24 -7.28
C MET B 76 -18.62 -19.87 -6.69
N ILE B 77 -19.63 -19.80 -7.57
CA ILE B 77 -20.98 -19.43 -7.14
C ILE B 77 -21.53 -20.45 -6.15
N GLU B 78 -21.48 -21.74 -6.53
CA GLU B 78 -21.88 -22.83 -5.60
C GLU B 78 -21.33 -22.59 -4.21
N ARG B 79 -20.03 -22.44 -4.17
CA ARG B 79 -19.32 -22.31 -2.90
C ARG B 79 -19.60 -20.95 -2.21
N CYS B 80 -19.83 -19.89 -2.99
CA CYS B 80 -20.08 -18.57 -2.36
C CYS B 80 -21.46 -18.56 -1.71
N ARG B 81 -22.44 -19.16 -2.37
CA ARG B 81 -23.76 -19.24 -1.75
C ARG B 81 -23.76 -20.02 -0.42
N HIS B 82 -23.02 -21.13 -0.37
CA HIS B 82 -22.89 -21.91 0.85
C HIS B 82 -22.09 -21.16 1.93
N HIS B 83 -21.07 -20.41 1.49
CA HIS B 83 -20.18 -19.70 2.41
C HIS B 83 -20.97 -18.55 3.01
N ILE B 84 -21.74 -17.84 2.19
CA ILE B 84 -22.52 -16.73 2.74
C ILE B 84 -23.64 -17.20 3.66
N ASP B 85 -24.22 -18.37 3.37
CA ASP B 85 -25.20 -18.93 4.29
C ASP B 85 -24.65 -19.29 5.67
N ALA B 86 -23.34 -19.43 5.81
CA ALA B 86 -22.74 -19.76 7.13
C ALA B 86 -22.71 -18.60 8.15
N TYR B 87 -22.83 -17.35 7.67
CA TYR B 87 -22.74 -16.13 8.49
C TYR B 87 -24.05 -15.31 8.55
N LYS B 88 -24.48 -15.05 9.79
CA LYS B 88 -25.70 -14.32 10.07
C LYS B 88 -25.49 -12.83 9.96
N ALA B 89 -26.35 -12.15 9.24
CA ALA B 89 -26.34 -10.70 9.17
C ALA B 89 -27.72 -10.21 8.69
N PRO B 90 -28.09 -8.96 9.01
CA PRO B 90 -29.39 -8.39 8.59
C PRO B 90 -29.48 -8.03 7.12
N THR B 91 -28.33 -7.84 6.47
CA THR B 91 -28.33 -7.62 5.01
C THR B 91 -28.33 -8.94 4.25
N PRO B 92 -29.39 -9.21 3.47
CA PRO B 92 -29.39 -10.31 2.50
C PRO B 92 -28.49 -10.05 1.27
N VAL B 93 -28.11 -11.15 0.63
CA VAL B 93 -27.25 -11.16 -0.56
C VAL B 93 -27.92 -11.90 -1.70
N ASP B 94 -27.92 -11.31 -2.88
CA ASP B 94 -28.39 -12.02 -4.09
C ASP B 94 -27.11 -12.62 -4.67
N VAL B 95 -26.98 -13.94 -4.65
CA VAL B 95 -25.79 -14.55 -5.24
C VAL B 95 -26.25 -14.97 -6.62
N ILE B 96 -25.67 -14.36 -7.68
CA ILE B 96 -26.21 -14.63 -9.05
C ILE B 96 -25.07 -15.15 -9.92
N GLU B 97 -25.27 -16.31 -10.54
CA GLU B 97 -24.29 -16.81 -11.51
C GLU B 97 -24.65 -16.13 -12.81
N GLY B 98 -23.67 -15.53 -13.49
CA GLY B 98 -23.92 -14.56 -14.54
C GLY B 98 -22.72 -13.74 -14.92
N ASP B 99 -22.88 -12.95 -15.97
CA ASP B 99 -21.81 -12.19 -16.60
C ASP B 99 -21.91 -10.71 -16.24
N ILE B 100 -20.84 -10.17 -15.63
CA ILE B 100 -20.89 -8.77 -15.24
C ILE B 100 -21.05 -7.80 -16.41
N ARG B 101 -20.76 -8.25 -17.63
CA ARG B 101 -20.90 -7.37 -18.76
C ARG B 101 -22.39 -7.23 -19.15
N ASP B 102 -23.22 -8.16 -18.67
CA ASP B 102 -24.63 -8.22 -18.96
C ASP B 102 -25.55 -7.63 -17.86
N ILE B 103 -25.14 -7.72 -16.59
CA ILE B 103 -26.01 -7.27 -15.48
C ILE B 103 -26.12 -5.75 -15.29
N ALA B 104 -27.31 -5.29 -14.94
CA ALA B 104 -27.60 -3.89 -14.70
C ALA B 104 -27.16 -3.57 -13.29
N ILE B 105 -26.77 -2.32 -13.10
CA ILE B 105 -26.36 -1.81 -11.84
C ILE B 105 -27.37 -0.71 -11.50
N GLU B 106 -28.13 -0.92 -10.42
CA GLU B 106 -29.18 0.02 -9.99
C GLU B 106 -28.99 0.38 -8.51
N ASN B 107 -29.24 1.66 -8.18
CA ASN B 107 -29.36 2.10 -6.82
C ASN B 107 -28.20 1.58 -5.94
N ALA B 108 -26.99 1.84 -6.40
CA ALA B 108 -25.77 1.30 -5.82
C ALA B 108 -25.10 2.43 -5.02
N SER B 109 -24.92 2.25 -3.72
CA SER B 109 -24.06 3.21 -2.95
C SER B 109 -22.60 2.77 -3.03
N MET B 110 -22.39 1.51 -3.37
CA MET B 110 -21.05 0.99 -3.54
C MET B 110 -20.96 -0.16 -4.57
N VAL B 111 -19.90 -0.09 -5.38
CA VAL B 111 -19.52 -1.14 -6.29
C VAL B 111 -18.07 -1.59 -6.04
N VAL B 112 -17.85 -2.91 -6.11
CA VAL B 112 -16.54 -3.52 -5.92
C VAL B 112 -16.12 -4.41 -7.08
N LEU B 113 -15.01 -4.01 -7.71
CA LEU B 113 -14.25 -4.82 -8.65
C LEU B 113 -12.90 -5.20 -8.03
N ASN B 114 -12.92 -6.26 -7.21
CA ASN B 114 -11.73 -6.61 -6.44
C ASN B 114 -10.98 -7.68 -7.23
N PHE B 115 -10.06 -7.26 -8.09
CA PHE B 115 -9.24 -8.17 -8.90
C PHE B 115 -10.11 -8.89 -9.90
N THR B 116 -10.92 -8.11 -10.60
CA THR B 116 -11.88 -8.68 -11.55
C THR B 116 -11.80 -8.07 -12.97
N LEU B 117 -11.64 -6.76 -13.08
CA LEU B 117 -11.59 -6.12 -14.41
C LEU B 117 -10.53 -6.71 -15.37
N GLN B 118 -9.36 -7.08 -14.84
CA GLN B 118 -8.28 -7.72 -15.65
C GLN B 118 -8.75 -8.97 -16.41
N PHE B 119 -9.87 -9.54 -15.98
CA PHE B 119 -10.42 -10.77 -16.63
C PHE B 119 -11.24 -10.50 -17.90
N LEU B 120 -11.66 -9.25 -18.09
CA LEU B 120 -12.31 -8.87 -19.32
C LEU B 120 -11.24 -8.57 -20.34
N GLU B 121 -11.65 -8.53 -21.60
CA GLU B 121 -10.77 -8.10 -22.66
C GLU B 121 -10.62 -6.62 -22.49
N PRO B 122 -9.44 -6.08 -22.80
CA PRO B 122 -9.20 -4.64 -22.62
C PRO B 122 -10.31 -3.79 -23.23
N SER B 123 -10.71 -4.13 -24.44
CA SER B 123 -11.68 -3.33 -25.18
C SER B 123 -13.08 -3.29 -24.57
N GLU B 124 -13.38 -4.24 -23.67
CA GLU B 124 -14.67 -4.29 -22.97
C GLU B 124 -14.63 -3.56 -21.62
N ARG B 125 -13.45 -3.10 -21.21
CA ARG B 125 -13.29 -2.53 -19.85
C ARG B 125 -13.92 -1.13 -19.69
N GLN B 126 -13.86 -0.27 -20.71
CA GLN B 126 -14.53 1.03 -20.63
C GLN B 126 -16.05 0.87 -20.38
N ALA B 127 -16.72 0.02 -21.16
CA ALA B 127 -18.18 -0.12 -21.09
C ALA B 127 -18.73 -0.66 -19.74
N LEU B 128 -18.02 -1.56 -19.07
CA LEU B 128 -18.39 -1.93 -17.69
C LEU B 128 -18.30 -0.75 -16.71
N LEU B 129 -17.27 0.09 -16.86
CA LEU B 129 -17.02 1.20 -15.94
C LEU B 129 -18.04 2.35 -16.12
N ASP B 130 -18.32 2.67 -17.38
CA ASP B 130 -19.42 3.57 -17.72
C ASP B 130 -20.72 3.20 -17.02
N LYS B 131 -21.06 1.91 -17.08
CA LYS B 131 -22.33 1.39 -16.53
C LYS B 131 -22.39 1.51 -15.02
N ILE B 132 -21.28 1.13 -14.36
CA ILE B 132 -21.15 1.24 -12.92
C ILE B 132 -21.33 2.68 -12.49
N TYR B 133 -20.69 3.60 -13.21
CA TYR B 133 -20.84 5.02 -12.92
C TYR B 133 -22.29 5.47 -12.95
N GLN B 134 -23.00 5.11 -14.03
CA GLN B 134 -24.37 5.54 -14.20
C GLN B 134 -25.25 4.90 -13.14
N GLY B 135 -24.91 3.66 -12.80
CA GLY B 135 -25.67 2.85 -11.85
C GLY B 135 -25.46 3.23 -10.39
N LEU B 136 -24.37 3.96 -10.12
CA LEU B 136 -24.10 4.43 -8.74
C LEU B 136 -25.02 5.62 -8.42
N ASN B 137 -25.51 5.68 -7.19
CA ASN B 137 -26.22 6.87 -6.70
C ASN B 137 -25.19 7.96 -6.46
N PRO B 138 -25.62 9.24 -6.42
CA PRO B 138 -24.73 10.35 -6.09
C PRO B 138 -24.02 10.08 -4.79
N GLY B 139 -22.71 10.34 -4.73
CA GLY B 139 -21.91 10.11 -3.51
C GLY B 139 -21.50 8.66 -3.31
N GLY B 140 -21.80 7.81 -4.29
CA GLY B 140 -21.43 6.40 -4.23
C GLY B 140 -19.98 6.17 -4.63
N ALA B 141 -19.47 4.98 -4.30
CA ALA B 141 -18.05 4.69 -4.50
C ALA B 141 -17.83 3.39 -5.26
N LEU B 142 -16.86 3.40 -6.16
CA LEU B 142 -16.30 2.16 -6.72
C LEU B 142 -14.88 1.94 -6.19
N VAL B 143 -14.65 0.68 -5.80
CA VAL B 143 -13.36 0.10 -5.56
C VAL B 143 -12.86 -0.79 -6.69
N LEU B 144 -11.69 -0.42 -7.19
CA LEU B 144 -11.09 -1.09 -8.35
C LEU B 144 -9.69 -1.53 -7.97
N SER B 145 -9.56 -2.82 -7.67
CA SER B 145 -8.30 -3.44 -7.31
C SER B 145 -7.80 -4.33 -8.44
N GLU B 146 -6.52 -4.16 -8.78
CA GLU B 146 -5.90 -4.81 -9.94
C GLU B 146 -4.43 -5.05 -9.76
N LYS B 147 -3.92 -6.05 -10.50
CA LYS B 147 -2.49 -6.15 -10.75
C LYS B 147 -2.18 -5.07 -11.77
N PHE B 148 -1.14 -4.26 -11.52
CA PHE B 148 -0.75 -3.18 -12.45
C PHE B 148 0.43 -3.56 -13.33
N SER B 149 0.46 -3.03 -14.54
CA SER B 149 1.69 -2.97 -15.34
C SER B 149 2.28 -1.56 -15.13
N PHE B 150 3.55 -1.37 -15.51
CA PHE B 150 4.24 -0.10 -15.36
C PHE B 150 4.95 0.33 -16.64
N GLU B 151 4.77 1.60 -16.99
CA GLU B 151 5.32 2.13 -18.25
C GLU B 151 6.85 2.22 -18.18
N ASP B 152 7.40 2.46 -16.99
CA ASP B 152 8.85 2.41 -16.79
C ASP B 152 9.30 0.95 -16.58
N ALA B 153 9.99 0.40 -17.57
CA ALA B 153 10.41 -1.01 -17.55
C ALA B 153 11.32 -1.40 -16.37
N LYS B 154 12.14 -0.46 -15.90
CA LYS B 154 13.02 -0.70 -14.76
C LYS B 154 12.26 -0.84 -13.43
N VAL B 155 11.29 0.04 -13.23
CA VAL B 155 10.38 -0.06 -12.09
C VAL B 155 9.57 -1.36 -12.23
N GLY B 156 9.07 -1.64 -13.45
CA GLY B 156 8.33 -2.86 -13.71
C GLY B 156 9.11 -4.10 -13.32
N GLU B 157 10.37 -4.11 -13.70
CA GLU B 157 11.26 -5.22 -13.37
C GLU B 157 11.40 -5.38 -11.86
N LEU B 158 11.68 -4.28 -11.17
CA LEU B 158 11.82 -4.34 -9.72
C LEU B 158 10.57 -4.97 -9.04
N LEU B 159 9.41 -4.46 -9.41
CA LEU B 159 8.17 -4.87 -8.78
C LEU B 159 7.80 -6.31 -9.12
N PHE B 160 8.06 -6.72 -10.35
CA PHE B 160 7.98 -8.14 -10.74
C PHE B 160 8.88 -8.99 -9.84
N ASN B 161 10.12 -8.55 -9.63
CA ASN B 161 11.05 -9.26 -8.76
C ASN B 161 10.56 -9.33 -7.30
N MET B 162 10.08 -8.20 -6.80
CA MET B 162 9.55 -8.15 -5.44
C MET B 162 8.37 -9.12 -5.30
N HIS B 163 7.48 -9.11 -6.28
CA HIS B 163 6.35 -10.05 -6.28
C HIS B 163 6.82 -11.53 -6.26
N HIS B 164 7.85 -11.83 -7.05
CA HIS B 164 8.45 -13.17 -7.09
C HIS B 164 9.00 -13.54 -5.70
N ASP B 165 9.68 -12.58 -5.07
CA ASP B 165 10.25 -12.81 -3.74
C ASP B 165 9.17 -13.03 -2.71
N PHE B 166 8.08 -12.30 -2.87
CA PHE B 166 6.92 -12.43 -1.99
C PHE B 166 6.31 -13.84 -2.08
N LYS B 167 6.12 -14.31 -3.31
CA LYS B 167 5.56 -15.64 -3.55
C LYS B 167 6.49 -16.72 -3.01
N ARG B 168 7.78 -16.48 -3.16
CA ARG B 168 8.76 -17.40 -2.65
C ARG B 168 8.66 -17.47 -1.12
N ALA B 169 8.63 -16.31 -0.48
CA ALA B 169 8.55 -16.20 1.00
C ALA B 169 7.33 -16.91 1.57
N ASN B 170 6.26 -16.90 0.80
CA ASN B 170 4.96 -17.39 1.24
C ASN B 170 4.62 -18.83 0.87
N GLY B 171 5.58 -19.57 0.33
CA GLY B 171 5.38 -20.98 -0.02
C GLY B 171 4.41 -21.20 -1.17
N TYR B 172 4.29 -20.20 -2.04
CA TYR B 172 3.37 -20.27 -3.20
C TYR B 172 3.49 -21.59 -4.00
N SER B 173 4.74 -22.03 -4.22
CA SER B 173 5.00 -23.25 -5.01
CA SER B 173 5.02 -23.25 -4.99
C SER B 173 4.55 -24.53 -4.31
N GLU B 174 4.19 -24.45 -3.03
CA GLU B 174 3.62 -25.60 -2.32
C GLU B 174 2.29 -26.01 -2.95
N LEU B 175 1.57 -25.05 -3.51
CA LEU B 175 0.27 -25.28 -4.09
C LEU B 175 0.41 -25.97 -5.44
N GLU B 176 -0.36 -27.04 -5.61
CA GLU B 176 -0.47 -27.81 -6.84
C GLU B 176 -0.93 -26.90 -7.96
N ILE B 177 -1.92 -26.08 -7.68
CA ILE B 177 -2.45 -25.11 -8.62
C ILE B 177 -1.48 -23.98 -9.05
N SER B 178 -0.35 -23.82 -8.36
CA SER B 178 0.59 -22.72 -8.67
C SER B 178 1.08 -22.67 -10.12
N GLN B 179 1.61 -23.76 -10.66
CA GLN B 179 2.07 -23.77 -12.09
C GLN B 179 0.98 -23.20 -13.05
N LYS B 180 -0.26 -23.69 -12.93
CA LYS B 180 -1.35 -23.22 -13.79
C LYS B 180 -1.80 -21.79 -13.53
N ARG B 181 -1.47 -21.23 -12.36
CA ARG B 181 -1.81 -19.86 -12.03
C ARG B 181 -0.74 -18.86 -12.51
N SER B 182 0.51 -19.30 -12.49
CA SER B 182 1.58 -18.49 -13.05
C SER B 182 1.40 -18.48 -14.59
N MET B 183 0.81 -19.55 -15.14
CA MET B 183 0.52 -19.56 -16.58
C MET B 183 -0.57 -18.53 -16.90
N LEU B 184 -1.60 -18.46 -16.07
CA LEU B 184 -2.61 -17.43 -16.22
C LEU B 184 -2.01 -16.03 -16.13
N GLU B 185 -1.18 -15.78 -15.12
CA GLU B 185 -0.63 -14.43 -14.94
C GLU B 185 0.21 -13.98 -16.15
N ASN B 186 0.94 -14.90 -16.77
CA ASN B 186 1.80 -14.52 -17.89
C ASN B 186 0.97 -14.27 -19.15
N VAL B 187 -0.29 -14.70 -19.13
CA VAL B 187 -1.21 -14.56 -20.28
C VAL B 187 -2.21 -13.42 -20.06
N MET B 188 -2.24 -12.89 -18.85
CA MET B 188 -3.23 -11.89 -18.50
C MET B 188 -2.81 -10.54 -19.07
N LEU B 189 -3.77 -9.70 -19.45
CA LEU B 189 -3.48 -8.36 -19.96
C LEU B 189 -3.72 -7.33 -18.84
N THR B 190 -2.67 -6.83 -18.21
CA THR B 190 -2.87 -5.81 -17.13
C THR B 190 -2.78 -4.41 -17.74
N ASP B 191 -3.22 -3.40 -16.96
CA ASP B 191 -3.17 -1.99 -17.36
C ASP B 191 -2.33 -1.21 -16.34
N SER B 192 -1.82 -0.03 -16.72
CA SER B 192 -1.12 0.86 -15.73
C SER B 192 -2.10 1.68 -14.89
N VAL B 193 -1.63 2.28 -13.80
CA VAL B 193 -2.49 3.11 -12.99
C VAL B 193 -3.02 4.28 -13.81
N GLU B 194 -2.15 4.89 -14.63
CA GLU B 194 -2.52 6.00 -15.52
C GLU B 194 -3.69 5.61 -16.45
N THR B 195 -3.60 4.41 -17.01
CA THR B 195 -4.67 3.85 -17.84
C THR B 195 -5.97 3.65 -17.05
N HIS B 196 -5.88 3.03 -15.87
CA HIS B 196 -7.06 2.90 -15.02
C HIS B 196 -7.73 4.23 -14.71
N LYS B 197 -6.92 5.25 -14.38
CA LYS B 197 -7.44 6.57 -14.03
C LYS B 197 -8.14 7.22 -15.24
N ALA B 198 -7.47 7.17 -16.38
CA ALA B 198 -8.05 7.71 -17.60
C ALA B 198 -9.43 7.08 -17.91
N ARG B 199 -9.56 5.76 -17.72
CA ARG B 199 -10.85 5.10 -18.00
C ARG B 199 -11.92 5.49 -17.00
N LEU B 200 -11.51 5.69 -15.75
CA LEU B 200 -12.43 6.09 -14.71
C LEU B 200 -13.02 7.45 -15.02
N HIS B 201 -12.17 8.37 -15.43
CA HIS B 201 -12.59 9.71 -15.78
C HIS B 201 -13.52 9.67 -17.01
N ASN B 202 -13.16 8.80 -17.96
CA ASN B 202 -13.94 8.56 -19.16
C ASN B 202 -15.32 7.98 -18.90
N ALA B 203 -15.49 7.33 -17.74
CA ALA B 203 -16.76 6.81 -17.27
C ALA B 203 -17.64 7.87 -16.62
N GLY B 204 -17.03 9.00 -16.26
CA GLY B 204 -17.75 10.10 -15.63
C GLY B 204 -17.27 10.44 -14.23
N PHE B 205 -16.40 9.59 -13.67
CA PHE B 205 -15.93 9.76 -12.27
C PHE B 205 -15.20 11.09 -12.08
N GLU B 206 -15.71 11.88 -11.14
CA GLU B 206 -15.18 13.20 -10.85
C GLU B 206 -13.90 13.09 -9.99
N HIS B 207 -13.78 11.97 -9.27
CA HIS B 207 -12.68 11.75 -8.34
C HIS B 207 -12.20 10.32 -8.40
N SER B 208 -10.91 10.12 -8.57
CA SER B 208 -10.34 8.81 -8.43
C SER B 208 -8.89 8.89 -7.99
N GLU B 209 -8.51 7.94 -7.17
CA GLU B 209 -7.15 7.88 -6.70
C GLU B 209 -6.83 6.50 -6.19
N LEU B 210 -5.57 6.19 -6.27
CA LEU B 210 -5.03 5.05 -5.60
C LEU B 210 -5.24 5.27 -4.08
N TRP B 211 -5.76 4.26 -3.41
CA TRP B 211 -5.84 4.24 -1.95
C TRP B 211 -5.04 3.10 -1.30
N PHE B 212 -4.58 2.18 -2.13
CA PHE B 212 -3.74 1.09 -1.69
C PHE B 212 -2.83 0.66 -2.80
N GLN B 213 -1.58 0.40 -2.43
CA GLN B 213 -0.66 -0.26 -3.30
C GLN B 213 0.35 -1.10 -2.49
N CYS B 214 0.71 -2.28 -3.01
CA CYS B 214 1.88 -3.01 -2.48
C CYS B 214 2.60 -3.71 -3.66
N PHE B 215 3.80 -3.25 -3.98
CA PHE B 215 4.51 -3.68 -5.19
C PHE B 215 3.62 -3.48 -6.44
N ASN B 216 3.41 -4.53 -7.22
CA ASN B 216 2.68 -4.40 -8.52
C ASN B 216 1.17 -4.61 -8.41
N PHE B 217 0.67 -4.63 -7.19
CA PHE B 217 -0.76 -4.75 -6.97
C PHE B 217 -1.30 -3.54 -6.18
N GLY B 218 -2.52 -3.11 -6.49
CA GLY B 218 -3.11 -1.98 -5.75
C GLY B 218 -4.59 -1.79 -5.95
N SER B 219 -5.12 -0.69 -5.45
CA SER B 219 -6.55 -0.48 -5.49
C SER B 219 -6.80 1.00 -5.63
N LEU B 220 -7.72 1.37 -6.50
CA LEU B 220 -8.17 2.75 -6.63
C LEU B 220 -9.57 2.89 -6.09
N VAL B 221 -9.83 4.05 -5.55
CA VAL B 221 -11.19 4.39 -5.18
C VAL B 221 -11.70 5.51 -6.10
N ALA B 222 -12.90 5.31 -6.66
CA ALA B 222 -13.51 6.31 -7.56
C ALA B 222 -14.79 6.85 -6.93
N LEU B 223 -14.96 8.17 -6.89
CA LEU B 223 -16.09 8.76 -6.18
C LEU B 223 -16.99 9.50 -7.15
N LYS B 224 -18.28 9.18 -7.12
CA LYS B 224 -19.27 9.95 -7.90
C LYS B 224 -19.72 11.16 -7.06
N ALA B 225 -19.69 12.36 -7.62
CA ALA B 225 -20.13 13.57 -6.89
C ALA B 225 -21.51 13.41 -6.25
N GLU B 226 -21.73 14.13 -5.14
CA GLU B 226 -22.97 14.03 -4.36
C GLU B 226 -24.13 14.80 -4.99
#